data_2APS
#
_entry.id   2APS
#
_cell.length_a   58.050
_cell.length_b   123.880
_cell.length_c   107.250
_cell.angle_alpha   90.00
_cell.angle_beta   90.00
_cell.angle_gamma   90.00
#
_symmetry.space_group_name_H-M   'C 2 2 21'
#
loop_
_entity.id
_entity.type
_entity.pdbx_description
1 polymer 'PROTEIN (CU,ZN SUPEROXIDE DISMUTASE)'
2 non-polymer 'COPPER (II) ION'
3 non-polymer 'ZINC ION'
4 water water
#
_entity_poly.entity_id   1
_entity_poly.type   'polypeptide(L)'
_entity_poly.pdbx_seq_one_letter_code
;KADNSSVEKLVVQVQQLDPVKGNKDVGTVEITESAYGLVFTPHLHGLAQGLHGFHIHQNPSCEPKEKDGKLVAGLGAGGH
WDPKETKQHGYPWSDNAHLGDLPALFVEHDGSATNPVLAPRLKKLDEVKGHSLMIHEGGDNHSDHPAPLGGGGPRMACGV
IK
;
_entity_poly.pdbx_strand_id   A,B
#
loop_
_chem_comp.id
_chem_comp.type
_chem_comp.name
_chem_comp.formula
CU non-polymer 'COPPER (II) ION' 'Cu 2'
ZN non-polymer 'ZINC ION' 'Zn 2'
#
# COMPACT_ATOMS: atom_id res chain seq x y z
N GLU A 8 -14.45 2.44 -18.61
CA GLU A 8 -14.61 2.85 -17.19
C GLU A 8 -14.01 1.83 -16.21
N LYS A 9 -13.62 0.66 -16.72
CA LYS A 9 -13.06 -0.37 -15.86
C LYS A 9 -12.32 -1.46 -16.66
N LEU A 10 -11.69 -2.40 -15.96
CA LEU A 10 -10.93 -3.49 -16.56
C LEU A 10 -10.92 -4.60 -15.51
N VAL A 11 -11.39 -5.80 -15.85
CA VAL A 11 -11.39 -6.91 -14.88
C VAL A 11 -10.38 -7.98 -15.30
N VAL A 12 -9.30 -8.09 -14.53
CA VAL A 12 -8.25 -9.05 -14.81
C VAL A 12 -8.46 -10.38 -14.11
N GLN A 13 -8.54 -11.43 -14.93
CA GLN A 13 -8.72 -12.79 -14.45
C GLN A 13 -7.39 -13.25 -13.89
N VAL A 14 -7.26 -13.17 -12.58
CA VAL A 14 -6.03 -13.57 -11.92
C VAL A 14 -6.11 -15.03 -11.54
N GLN A 15 -5.05 -15.76 -11.84
CA GLN A 15 -4.94 -17.18 -11.56
C GLN A 15 -3.59 -17.48 -10.91
N GLN A 16 -3.57 -18.39 -9.94
CA GLN A 16 -2.34 -18.78 -9.27
C GLN A 16 -1.60 -19.64 -10.27
N LEU A 17 -0.29 -19.43 -10.39
CA LEU A 17 0.51 -20.17 -11.35
C LEU A 17 0.92 -21.57 -10.92
N ASP A 18 0.95 -22.46 -11.90
CA ASP A 18 1.34 -23.87 -11.73
C ASP A 18 1.39 -24.52 -13.12
N PRO A 19 2.61 -24.68 -13.68
CA PRO A 19 2.85 -25.28 -15.00
C PRO A 19 2.51 -26.77 -15.08
N VAL A 20 3.00 -27.55 -14.12
CA VAL A 20 2.78 -29.00 -14.09
C VAL A 20 1.34 -29.48 -14.00
N LYS A 21 0.61 -29.05 -12.96
CA LYS A 21 -0.77 -29.47 -12.78
C LYS A 21 -1.81 -28.59 -13.49
N GLY A 22 -1.74 -27.28 -13.25
CA GLY A 22 -2.66 -26.36 -13.89
C GLY A 22 -2.93 -25.06 -13.15
N ASN A 23 -3.33 -24.05 -13.92
CA ASN A 23 -3.67 -22.72 -13.41
C ASN A 23 -5.08 -22.77 -12.82
N LYS A 24 -5.27 -22.06 -11.72
CA LYS A 24 -6.56 -22.01 -11.06
C LYS A 24 -6.92 -20.55 -10.78
N ASP A 25 -8.20 -20.21 -10.89
CA ASP A 25 -8.66 -18.84 -10.65
C ASP A 25 -8.66 -18.49 -9.17
N VAL A 26 -7.88 -17.47 -8.79
CA VAL A 26 -7.82 -17.03 -7.40
C VAL A 26 -8.70 -15.80 -7.15
N GLY A 27 -9.21 -15.20 -8.21
CA GLY A 27 -10.06 -14.04 -8.06
C GLY A 27 -9.79 -13.09 -9.21
N THR A 28 -9.97 -11.80 -8.97
CA THR A 28 -9.74 -10.79 -10.00
C THR A 28 -9.13 -9.52 -9.45
N VAL A 29 -8.80 -8.61 -10.36
CA VAL A 29 -8.25 -7.31 -10.03
C VAL A 29 -8.90 -6.35 -11.01
N GLU A 30 -9.57 -5.34 -10.50
CA GLU A 30 -10.22 -4.34 -11.35
C GLU A 30 -9.34 -3.10 -11.41
N ILE A 31 -9.17 -2.56 -12.61
CA ILE A 31 -8.34 -1.39 -12.82
C ILE A 31 -9.20 -0.21 -13.24
N THR A 32 -9.28 0.81 -12.39
CA THR A 32 -10.07 2.00 -12.68
C THR A 32 -9.20 3.24 -12.77
N GLU A 33 -9.78 4.33 -13.23
CA GLU A 33 -9.05 5.58 -13.36
C GLU A 33 -9.53 6.54 -12.28
N SER A 34 -8.58 7.15 -11.59
CA SER A 34 -8.91 8.12 -10.57
C SER A 34 -8.23 9.39 -11.06
N ALA A 35 -8.48 10.51 -10.39
CA ALA A 35 -7.89 11.78 -10.79
C ALA A 35 -6.37 11.80 -10.56
N TYR A 36 -5.81 10.76 -9.96
CA TYR A 36 -4.37 10.71 -9.71
C TYR A 36 -3.66 9.48 -10.30
N GLY A 37 -4.35 8.71 -11.12
CA GLY A 37 -3.74 7.54 -11.72
C GLY A 37 -4.60 6.30 -11.66
N LEU A 38 -4.13 5.20 -12.24
CA LEU A 38 -4.86 3.94 -12.26
C LEU A 38 -4.89 3.25 -10.89
N VAL A 39 -6.06 2.80 -10.48
CA VAL A 39 -6.22 2.11 -9.20
C VAL A 39 -6.38 0.60 -9.42
N PHE A 40 -5.58 -0.18 -8.72
CA PHE A 40 -5.65 -1.64 -8.83
C PHE A 40 -6.33 -2.17 -7.57
N THR A 41 -7.60 -2.55 -7.70
CA THR A 41 -8.39 -3.08 -6.60
C THR A 41 -8.60 -4.58 -6.78
N PRO A 42 -8.00 -5.40 -5.91
CA PRO A 42 -8.16 -6.84 -6.05
C PRO A 42 -9.23 -7.47 -5.15
N HIS A 43 -9.70 -8.66 -5.55
CA HIS A 43 -10.62 -9.46 -4.75
C HIS A 43 -10.09 -10.86 -4.96
N LEU A 44 -8.91 -11.09 -4.43
CA LEU A 44 -8.27 -12.39 -4.54
C LEU A 44 -8.57 -13.12 -3.24
N HIS A 45 -8.68 -14.43 -3.35
CA HIS A 45 -8.96 -15.29 -2.22
C HIS A 45 -8.06 -16.53 -2.38
N GLY A 46 -7.58 -17.06 -1.25
CA GLY A 46 -6.74 -18.24 -1.28
C GLY A 46 -5.27 -18.14 -1.71
N LEU A 47 -4.55 -17.16 -1.18
CA LEU A 47 -3.13 -16.98 -1.52
C LEU A 47 -2.35 -16.95 -0.21
N ALA A 48 -1.03 -17.09 -0.29
CA ALA A 48 -0.19 -17.06 0.92
C ALA A 48 -0.21 -15.66 1.51
N GLN A 49 -0.33 -15.56 2.83
CA GLN A 49 -0.38 -14.26 3.50
C GLN A 49 0.94 -13.50 3.49
N GLY A 50 0.83 -12.17 3.49
CA GLY A 50 2.02 -11.33 3.49
C GLY A 50 2.04 -10.30 2.39
N LEU A 51 3.13 -9.55 2.29
CA LEU A 51 3.29 -8.52 1.27
C LEU A 51 3.97 -9.15 0.05
N HIS A 52 3.42 -8.92 -1.14
CA HIS A 52 3.98 -9.50 -2.36
C HIS A 52 4.30 -8.48 -3.48
N GLY A 53 5.36 -8.75 -4.23
CA GLY A 53 5.74 -7.88 -5.34
C GLY A 53 4.58 -7.86 -6.33
N PHE A 54 4.21 -6.67 -6.79
CA PHE A 54 3.08 -6.50 -7.69
C PHE A 54 3.58 -5.66 -8.86
N HIS A 55 3.68 -6.25 -10.05
CA HIS A 55 4.18 -5.52 -11.22
C HIS A 55 3.50 -5.94 -12.51
N ILE A 56 3.56 -5.08 -13.52
CA ILE A 56 3.00 -5.35 -14.83
C ILE A 56 4.20 -5.83 -15.66
N HIS A 57 4.01 -6.90 -16.42
CA HIS A 57 5.08 -7.43 -17.25
C HIS A 57 4.83 -7.19 -18.74
N GLN A 58 5.86 -7.41 -19.55
CA GLN A 58 5.82 -7.19 -21.00
C GLN A 58 4.77 -7.92 -21.83
N ASN A 59 4.97 -9.22 -22.03
CA ASN A 59 4.11 -10.05 -22.85
C ASN A 59 2.78 -10.44 -22.23
N PRO A 60 1.68 -10.26 -22.97
CA PRO A 60 0.32 -10.59 -22.52
C PRO A 60 0.09 -12.10 -22.45
N SER A 61 0.87 -12.77 -21.61
CA SER A 61 0.76 -14.21 -21.43
C SER A 61 1.23 -14.56 -20.04
N CYS A 62 0.62 -15.58 -19.44
CA CYS A 62 0.99 -16.03 -18.11
C CYS A 62 1.52 -17.46 -18.08
N GLU A 63 1.81 -18.01 -19.26
CA GLU A 63 2.33 -19.37 -19.34
C GLU A 63 3.82 -19.41 -19.06
N PRO A 64 4.29 -20.49 -18.42
CA PRO A 64 5.70 -20.67 -18.07
C PRO A 64 6.68 -20.86 -19.21
N LYS A 65 7.93 -21.10 -18.82
CA LYS A 65 9.05 -21.33 -19.72
C LYS A 65 9.97 -22.22 -18.91
N GLU A 66 10.22 -23.41 -19.42
CA GLU A 66 11.08 -24.34 -18.72
C GLU A 66 12.52 -24.00 -19.02
N LYS A 67 13.38 -24.38 -18.08
CA LYS A 67 14.81 -24.17 -18.18
C LYS A 67 15.43 -25.29 -17.37
N ASP A 68 16.31 -26.06 -18.00
CA ASP A 68 16.99 -27.19 -17.36
C ASP A 68 15.95 -28.23 -16.96
N GLY A 69 14.89 -28.32 -17.77
CA GLY A 69 13.81 -29.26 -17.49
C GLY A 69 12.83 -28.62 -16.51
N LYS A 70 13.36 -28.02 -15.46
CA LYS A 70 12.57 -27.36 -14.42
C LYS A 70 11.81 -26.18 -15.01
N LEU A 71 10.49 -26.33 -15.13
CA LEU A 71 9.63 -25.28 -15.66
C LEU A 71 9.44 -24.21 -14.57
N VAL A 72 9.69 -22.96 -14.93
CA VAL A 72 9.52 -21.86 -13.99
C VAL A 72 8.33 -21.05 -14.49
N ALA A 73 7.34 -20.92 -13.61
CA ALA A 73 6.10 -20.22 -13.92
C ALA A 73 6.22 -18.78 -14.39
N GLY A 74 5.22 -18.36 -15.16
CA GLY A 74 5.14 -17.00 -15.67
C GLY A 74 6.13 -16.39 -16.64
N LEU A 75 7.21 -17.09 -16.99
CA LEU A 75 8.19 -16.51 -17.91
C LEU A 75 7.66 -16.01 -19.25
N GLY A 76 6.48 -16.47 -19.65
CA GLY A 76 5.89 -16.03 -20.89
C GLY A 76 5.66 -14.53 -20.86
N ALA A 77 5.38 -14.03 -19.66
CA ALA A 77 5.14 -12.60 -19.43
C ALA A 77 6.39 -11.80 -19.74
N GLY A 78 7.55 -12.43 -19.55
CA GLY A 78 8.82 -11.76 -19.80
C GLY A 78 9.30 -10.97 -18.60
N GLY A 79 9.97 -9.85 -18.88
CA GLY A 79 10.44 -9.00 -17.80
C GLY A 79 9.37 -7.98 -17.43
N HIS A 80 9.73 -7.05 -16.55
CA HIS A 80 8.81 -6.01 -16.12
C HIS A 80 8.52 -5.10 -17.32
N TRP A 81 7.32 -4.56 -17.40
CA TRP A 81 6.96 -3.66 -18.49
C TRP A 81 7.77 -2.39 -18.31
N ASP A 82 8.58 -2.04 -19.32
CA ASP A 82 9.47 -0.87 -19.26
C ASP A 82 9.53 -0.09 -20.60
N PRO A 83 8.38 0.46 -21.05
CA PRO A 83 8.39 1.19 -22.31
C PRO A 83 9.26 2.45 -22.37
N LYS A 84 9.62 3.00 -21.22
CA LYS A 84 10.46 4.21 -21.19
C LYS A 84 11.95 3.89 -21.00
N GLU A 85 12.26 2.58 -21.07
CA GLU A 85 13.62 2.03 -20.95
C GLU A 85 14.52 2.66 -19.87
N THR A 86 14.05 2.61 -18.64
CA THR A 86 14.81 3.15 -17.51
C THR A 86 15.90 2.14 -17.12
N LYS A 87 15.62 0.87 -17.43
CA LYS A 87 16.53 -0.24 -17.14
C LYS A 87 16.75 -0.45 -15.65
N GLN A 88 15.86 0.09 -14.83
CA GLN A 88 15.96 -0.10 -13.39
C GLN A 88 14.60 -0.23 -12.68
N HIS A 89 14.59 -1.05 -11.65
CA HIS A 89 13.40 -1.29 -10.87
C HIS A 89 13.39 -0.24 -9.76
N GLY A 90 12.22 0.28 -9.44
CA GLY A 90 12.13 1.30 -8.41
C GLY A 90 10.74 1.52 -7.84
N TYR A 91 10.54 2.71 -7.28
CA TYR A 91 9.28 3.11 -6.68
C TYR A 91 8.19 3.43 -7.68
N PRO A 92 6.92 3.18 -7.30
CA PRO A 92 5.78 3.45 -8.18
C PRO A 92 5.62 4.96 -8.42
N TRP A 93 6.29 5.77 -7.60
CA TRP A 93 6.23 7.23 -7.69
C TRP A 93 7.55 7.87 -8.15
N SER A 94 8.42 7.06 -8.77
CA SER A 94 9.70 7.56 -9.27
C SER A 94 9.74 7.42 -10.79
N ASP A 95 10.22 8.45 -11.46
CA ASP A 95 10.31 8.41 -12.92
C ASP A 95 11.48 7.54 -13.40
N ASN A 96 12.35 7.13 -12.47
CA ASN A 96 13.48 6.27 -12.82
C ASN A 96 13.07 4.82 -12.84
N ALA A 97 11.86 4.53 -12.36
CA ALA A 97 11.40 3.14 -12.28
C ALA A 97 10.67 2.61 -13.52
N HIS A 98 10.57 1.29 -13.62
CA HIS A 98 9.84 0.67 -14.73
C HIS A 98 8.41 1.17 -14.61
N LEU A 99 7.77 1.47 -15.74
CA LEU A 99 6.40 1.97 -15.71
C LEU A 99 5.45 0.93 -15.09
N GLY A 100 5.83 -0.36 -15.15
CA GLY A 100 4.99 -1.41 -14.60
C GLY A 100 5.16 -1.69 -13.12
N ASP A 101 5.97 -0.91 -12.43
CA ASP A 101 6.21 -1.09 -11.00
C ASP A 101 5.07 -0.53 -10.17
N LEU A 102 4.29 -1.41 -9.56
CA LEU A 102 3.14 -1.03 -8.73
C LEU A 102 3.45 -1.19 -7.24
N PRO A 103 2.61 -0.61 -6.37
CA PRO A 103 2.86 -0.76 -4.93
C PRO A 103 2.67 -2.24 -4.59
N ALA A 104 3.38 -2.71 -3.55
CA ALA A 104 3.27 -4.10 -3.13
C ALA A 104 1.84 -4.42 -2.67
N LEU A 105 1.41 -5.64 -2.98
CA LEU A 105 0.07 -6.12 -2.68
C LEU A 105 -0.01 -6.86 -1.34
N PHE A 106 -1.01 -6.54 -0.51
CA PHE A 106 -1.18 -7.20 0.79
C PHE A 106 -2.24 -8.32 0.76
N VAL A 107 -1.85 -9.51 1.25
CA VAL A 107 -2.75 -10.65 1.30
C VAL A 107 -2.97 -10.97 2.78
N GLU A 108 -4.23 -10.87 3.21
CA GLU A 108 -4.65 -11.12 4.59
C GLU A 108 -4.29 -12.49 5.13
N HIS A 109 -4.41 -12.61 6.45
CA HIS A 109 -4.10 -13.86 7.13
C HIS A 109 -4.94 -15.04 6.63
N ASP A 110 -6.02 -14.75 5.91
CA ASP A 110 -6.89 -15.79 5.37
C ASP A 110 -6.76 -15.91 3.84
N GLY A 111 -5.65 -15.42 3.32
CA GLY A 111 -5.38 -15.49 1.90
C GLY A 111 -6.22 -14.59 1.02
N SER A 112 -6.76 -13.51 1.56
CA SER A 112 -7.58 -12.59 0.78
C SER A 112 -6.89 -11.25 0.50
N ALA A 113 -6.91 -10.81 -0.76
CA ALA A 113 -6.31 -9.54 -1.14
C ALA A 113 -7.44 -8.60 -1.52
N THR A 114 -7.67 -7.57 -0.72
CA THR A 114 -8.75 -6.61 -0.98
C THR A 114 -8.34 -5.14 -0.87
N ASN A 115 -7.08 -4.89 -0.53
CA ASN A 115 -6.60 -3.51 -0.39
C ASN A 115 -6.14 -2.98 -1.74
N PRO A 116 -6.79 -1.92 -2.24
CA PRO A 116 -6.42 -1.32 -3.53
C PRO A 116 -5.16 -0.46 -3.44
N VAL A 117 -4.44 -0.35 -4.54
CA VAL A 117 -3.23 0.46 -4.59
C VAL A 117 -3.28 1.38 -5.82
N LEU A 118 -2.51 2.46 -5.77
CA LEU A 118 -2.46 3.43 -6.85
C LEU A 118 -1.12 3.47 -7.59
N ALA A 119 -1.19 3.59 -8.91
CA ALA A 119 -0.03 3.72 -9.78
C ALA A 119 -0.22 5.11 -10.38
N PRO A 120 0.34 6.14 -9.74
CA PRO A 120 0.19 7.52 -10.22
C PRO A 120 0.74 7.83 -11.61
N ARG A 121 1.70 7.03 -12.07
CA ARG A 121 2.32 7.22 -13.37
C ARG A 121 1.52 6.69 -14.56
N LEU A 122 0.49 5.91 -14.29
CA LEU A 122 -0.35 5.37 -15.34
C LEU A 122 -1.65 6.16 -15.25
N LYS A 123 -2.08 6.75 -16.38
CA LYS A 123 -3.30 7.57 -16.42
C LYS A 123 -4.54 6.96 -17.07
N LYS A 124 -4.33 6.25 -18.17
CA LYS A 124 -5.43 5.64 -18.91
C LYS A 124 -5.37 4.12 -18.91
N LEU A 125 -6.53 3.50 -18.94
CA LEU A 125 -6.65 2.04 -18.94
C LEU A 125 -5.98 1.38 -20.14
N ASP A 126 -5.91 2.12 -21.25
CA ASP A 126 -5.32 1.62 -22.49
C ASP A 126 -3.85 1.25 -22.40
N GLU A 127 -3.10 2.01 -21.61
CA GLU A 127 -1.66 1.81 -21.46
C GLU A 127 -1.28 0.44 -20.98
N VAL A 128 -2.07 -0.10 -20.06
CA VAL A 128 -1.78 -1.41 -19.48
C VAL A 128 -2.23 -2.61 -20.29
N LYS A 129 -3.06 -2.39 -21.30
CA LYS A 129 -3.58 -3.46 -22.15
C LYS A 129 -2.48 -4.13 -22.97
N GLY A 130 -2.59 -5.44 -23.12
CA GLY A 130 -1.61 -6.18 -23.90
C GLY A 130 -0.35 -6.50 -23.12
N HIS A 131 -0.48 -6.57 -21.80
CA HIS A 131 0.63 -6.86 -20.90
C HIS A 131 0.07 -7.71 -19.78
N SER A 132 0.94 -8.29 -18.95
CA SER A 132 0.50 -9.14 -17.84
C SER A 132 0.56 -8.46 -16.48
N LEU A 133 -0.10 -9.07 -15.51
CA LEU A 133 -0.14 -8.57 -14.14
C LEU A 133 0.45 -9.69 -13.31
N MET A 134 1.60 -9.45 -12.71
CA MET A 134 2.28 -10.47 -11.92
C MET A 134 2.26 -10.22 -10.42
N ILE A 135 2.13 -11.31 -9.66
CA ILE A 135 2.13 -11.27 -8.21
C ILE A 135 3.18 -12.27 -7.76
N HIS A 136 4.29 -11.78 -7.21
CA HIS A 136 5.38 -12.64 -6.77
C HIS A 136 5.19 -13.25 -5.39
N GLU A 137 6.05 -14.20 -5.09
CA GLU A 137 6.06 -14.89 -3.82
C GLU A 137 6.64 -14.01 -2.73
N GLY A 138 7.75 -13.34 -3.06
CA GLY A 138 8.39 -12.45 -2.10
C GLY A 138 7.87 -11.03 -2.20
N GLY A 139 8.45 -10.14 -1.38
CA GLY A 139 8.07 -8.74 -1.36
C GLY A 139 8.65 -7.86 -2.45
N ASP A 140 8.97 -6.63 -2.08
CA ASP A 140 9.50 -5.66 -3.03
C ASP A 140 10.05 -4.48 -2.26
N ASN A 141 11.37 -4.31 -2.30
CA ASN A 141 12.00 -3.18 -1.62
C ASN A 141 12.22 -2.04 -2.63
N HIS A 142 11.62 -2.20 -3.81
CA HIS A 142 11.67 -1.20 -4.88
C HIS A 142 13.08 -0.77 -5.31
N SER A 143 13.97 -1.74 -5.45
CA SER A 143 15.35 -1.48 -5.84
C SER A 143 15.86 -2.75 -6.50
N ASP A 144 16.97 -2.65 -7.22
CA ASP A 144 17.59 -3.82 -7.84
C ASP A 144 18.69 -4.36 -6.92
N HIS A 145 18.75 -3.81 -5.71
CA HIS A 145 19.74 -4.22 -4.71
C HIS A 145 19.07 -4.33 -3.32
N PRO A 146 19.48 -5.32 -2.52
CA PRO A 146 20.49 -6.34 -2.79
C PRO A 146 20.10 -7.39 -3.82
N ALA A 147 18.79 -7.52 -4.09
CA ALA A 147 18.28 -8.49 -5.05
C ALA A 147 17.65 -7.79 -6.25
N PRO A 148 17.88 -8.32 -7.46
CA PRO A 148 17.32 -7.76 -8.69
C PRO A 148 15.80 -7.70 -8.66
N LEU A 149 15.24 -6.67 -9.29
CA LEU A 149 13.80 -6.49 -9.37
C LEU A 149 13.04 -6.48 -8.03
N GLY A 150 13.61 -5.83 -7.02
CA GLY A 150 12.94 -5.72 -5.73
C GLY A 150 12.93 -6.97 -4.85
N GLY A 151 13.47 -8.08 -5.35
CA GLY A 151 13.50 -9.30 -4.56
C GLY A 151 12.22 -10.09 -4.46
N GLY A 152 11.36 -10.00 -5.47
CA GLY A 152 10.12 -10.74 -5.46
C GLY A 152 10.36 -12.22 -5.67
N GLY A 153 11.28 -12.55 -6.57
CA GLY A 153 11.62 -13.94 -6.84
C GLY A 153 10.61 -14.68 -7.70
N PRO A 154 10.26 -15.92 -7.31
CA PRO A 154 9.29 -16.77 -8.03
C PRO A 154 7.93 -16.09 -8.22
N ARG A 155 7.37 -16.31 -9.40
CA ARG A 155 6.07 -15.74 -9.78
C ARG A 155 4.90 -16.59 -9.28
N MET A 156 4.32 -16.17 -8.15
CA MET A 156 3.21 -16.86 -7.49
C MET A 156 1.83 -16.81 -8.18
N ALA A 157 1.48 -15.68 -8.79
CA ALA A 157 0.18 -15.54 -9.47
C ALA A 157 0.30 -14.61 -10.67
N CYS A 158 -0.61 -14.73 -11.63
CA CYS A 158 -0.57 -13.91 -12.85
C CYS A 158 -1.94 -13.75 -13.49
N GLY A 159 -2.03 -12.82 -14.44
CA GLY A 159 -3.27 -12.56 -15.16
C GLY A 159 -2.99 -11.69 -16.38
N VAL A 160 -3.76 -11.86 -17.45
CA VAL A 160 -3.56 -11.06 -18.65
C VAL A 160 -4.51 -9.85 -18.73
N ILE A 161 -3.95 -8.69 -19.02
CA ILE A 161 -4.74 -7.45 -19.14
C ILE A 161 -5.22 -7.30 -20.59
N LYS A 162 -6.52 -7.54 -20.80
CA LYS A 162 -7.14 -7.46 -22.13
C LYS A 162 -8.07 -6.23 -22.19
N GLU B 8 14.98 17.50 1.36
CA GLU B 8 14.46 17.69 2.74
C GLU B 8 13.70 16.47 3.20
N LYS B 9 13.44 16.39 4.50
CA LYS B 9 12.74 15.26 5.06
C LYS B 9 12.23 15.60 6.47
N LEU B 10 11.10 15.00 6.84
CA LEU B 10 10.54 15.19 8.18
C LEU B 10 10.61 13.82 8.83
N VAL B 11 11.13 13.76 10.05
CA VAL B 11 11.22 12.49 10.77
C VAL B 11 10.25 12.53 11.94
N VAL B 12 9.22 11.70 11.86
CA VAL B 12 8.21 11.63 12.92
C VAL B 12 8.58 10.49 13.86
N GLN B 13 8.68 10.80 15.15
CA GLN B 13 8.98 9.80 16.17
C GLN B 13 7.63 9.21 16.56
N VAL B 14 7.48 7.90 16.36
CA VAL B 14 6.21 7.24 16.67
C VAL B 14 6.26 6.42 17.96
N GLN B 15 5.16 6.43 18.70
CA GLN B 15 5.05 5.69 19.94
C GLN B 15 3.83 4.81 19.94
N GLN B 16 3.97 3.63 20.52
CA GLN B 16 2.87 2.70 20.68
C GLN B 16 2.18 3.26 21.94
N LEU B 17 0.91 3.58 21.83
CA LEU B 17 0.17 4.19 22.94
C LEU B 17 -0.40 3.23 23.98
N ASP B 18 -0.15 3.54 25.26
CA ASP B 18 -0.66 2.76 26.39
C ASP B 18 -0.66 3.67 27.62
N PRO B 19 -1.83 4.26 27.95
CA PRO B 19 -2.03 5.17 29.08
C PRO B 19 -1.85 4.56 30.47
N VAL B 20 -2.09 3.26 30.62
CA VAL B 20 -1.94 2.57 31.90
C VAL B 20 -0.48 2.15 32.18
N LYS B 21 0.12 1.44 31.24
CA LYS B 21 1.50 0.95 31.37
C LYS B 21 2.59 1.92 30.89
N GLY B 22 2.23 2.85 30.01
CA GLY B 22 3.21 3.80 29.48
C GLY B 22 3.53 3.54 28.03
N ASN B 23 3.72 4.60 27.25
CA ASN B 23 4.02 4.47 25.82
C ASN B 23 5.38 3.85 25.56
N LYS B 24 5.51 3.20 24.40
CA LYS B 24 6.74 2.54 23.98
C LYS B 24 7.25 3.17 22.68
N ASP B 25 8.55 3.47 22.60
CA ASP B 25 9.10 4.03 21.37
C ASP B 25 9.12 2.87 20.37
N VAL B 26 8.48 3.05 19.20
CA VAL B 26 8.44 1.99 18.18
C VAL B 26 9.11 2.34 16.85
N GLY B 27 9.77 3.49 16.77
CA GLY B 27 10.44 3.83 15.53
C GLY B 27 10.04 5.16 14.93
N THR B 28 10.27 5.31 13.63
CA THR B 28 9.97 6.54 12.93
C THR B 28 9.24 6.33 11.61
N VAL B 29 8.74 7.43 11.07
CA VAL B 29 8.11 7.47 9.76
C VAL B 29 8.74 8.72 9.15
N GLU B 30 9.41 8.57 8.02
CA GLU B 30 10.02 9.71 7.35
C GLU B 30 9.09 10.18 6.24
N ILE B 31 8.90 11.48 6.14
CA ILE B 31 8.05 12.05 5.11
C ILE B 31 8.95 12.80 4.14
N THR B 32 8.80 12.52 2.85
CA THR B 32 9.61 13.13 1.79
C THR B 32 8.69 13.52 0.64
N GLU B 33 9.16 14.42 -0.23
CA GLU B 33 8.38 14.87 -1.38
C GLU B 33 8.79 14.08 -2.63
N SER B 34 7.82 13.53 -3.35
CA SER B 34 8.13 12.83 -4.60
C SER B 34 7.44 13.62 -5.72
N ALA B 35 7.75 13.29 -6.96
CA ALA B 35 7.16 13.96 -8.11
C ALA B 35 5.65 13.79 -8.18
N TYR B 36 5.11 12.85 -7.39
CA TYR B 36 3.67 12.57 -7.39
C TYR B 36 2.97 12.71 -6.03
N GLY B 37 3.63 13.35 -5.07
CA GLY B 37 3.02 13.54 -3.76
C GLY B 37 3.92 13.13 -2.61
N LEU B 38 3.44 13.30 -1.37
CA LEU B 38 4.21 12.95 -0.18
C LEU B 38 4.32 11.45 0.03
N VAL B 39 5.53 10.99 0.33
CA VAL B 39 5.80 9.58 0.57
C VAL B 39 6.05 9.39 2.07
N PHE B 40 5.37 8.41 2.66
CA PHE B 40 5.50 8.08 4.08
C PHE B 40 6.21 6.74 4.17
N THR B 41 7.47 6.77 4.62
CA THR B 41 8.32 5.58 4.76
C THR B 41 8.50 5.19 6.22
N PRO B 42 7.91 4.07 6.64
CA PRO B 42 8.05 3.68 8.04
C PRO B 42 9.25 2.79 8.31
N HIS B 43 9.63 2.77 9.58
CA HIS B 43 10.67 1.89 10.09
C HIS B 43 10.24 1.71 11.53
N LEU B 44 9.14 0.98 11.67
CA LEU B 44 8.51 0.73 12.96
C LEU B 44 8.68 -0.73 13.38
N HIS B 45 8.75 -0.94 14.69
CA HIS B 45 8.91 -2.28 15.24
C HIS B 45 8.03 -2.48 16.47
N GLY B 46 7.61 -3.72 16.69
CA GLY B 46 6.81 -4.04 17.86
C GLY B 46 5.34 -3.68 17.81
N LEU B 47 4.78 -3.59 16.61
CA LEU B 47 3.37 -3.26 16.45
C LEU B 47 2.61 -4.55 16.12
N ALA B 48 1.29 -4.51 16.28
CA ALA B 48 0.43 -5.67 15.98
C ALA B 48 0.44 -5.88 14.45
N GLN B 49 0.63 -7.12 14.02
CA GLN B 49 0.68 -7.41 12.59
C GLN B 49 -0.64 -7.20 11.86
N GLY B 50 -0.56 -6.98 10.55
CA GLY B 50 -1.76 -6.78 9.74
C GLY B 50 -1.83 -5.45 9.01
N LEU B 51 -3.00 -5.13 8.45
CA LEU B 51 -3.20 -3.87 7.71
C LEU B 51 -3.84 -2.89 8.68
N HIS B 52 -3.26 -1.71 8.84
CA HIS B 52 -3.79 -0.72 9.78
C HIS B 52 -4.13 0.63 9.16
N GLY B 53 -5.21 1.23 9.64
CA GLY B 53 -5.64 2.55 9.19
C GLY B 53 -4.50 3.51 9.49
N PHE B 54 -4.21 4.37 8.52
CA PHE B 54 -3.11 5.33 8.59
C PHE B 54 -3.60 6.71 8.16
N HIS B 55 -3.73 7.65 9.10
CA HIS B 55 -4.21 8.99 8.76
C HIS B 55 -3.55 10.10 9.56
N ILE B 56 -3.70 11.31 9.04
CA ILE B 56 -3.18 12.50 9.68
C ILE B 56 -4.38 13.07 10.44
N HIS B 57 -4.20 13.33 11.72
CA HIS B 57 -5.27 13.89 12.54
C HIS B 57 -5.03 15.37 12.77
N GLN B 58 -6.07 16.09 13.18
CA GLN B 58 -5.98 17.53 13.37
C GLN B 58 -4.93 18.11 14.31
N ASN B 59 -5.00 17.76 15.59
CA ASN B 59 -4.11 18.31 16.59
C ASN B 59 -2.71 17.72 16.67
N PRO B 60 -1.71 18.58 16.95
CA PRO B 60 -0.32 18.13 17.08
C PRO B 60 -0.12 17.56 18.48
N SER B 61 -0.82 16.48 18.77
CA SER B 61 -0.74 15.83 20.07
C SER B 61 -1.12 14.36 19.94
N CYS B 62 -0.51 13.53 20.80
CA CYS B 62 -0.79 12.10 20.85
C CYS B 62 -1.20 11.74 22.27
N GLU B 63 -1.57 12.76 23.04
CA GLU B 63 -1.98 12.59 24.43
C GLU B 63 -3.34 11.91 24.60
N PRO B 64 -3.49 11.09 25.65
CA PRO B 64 -4.77 10.43 25.87
C PRO B 64 -5.71 11.43 26.55
N LYS B 65 -7.01 11.13 26.53
CA LYS B 65 -8.00 11.98 27.19
C LYS B 65 -8.88 11.06 27.99
N GLU B 66 -9.31 11.52 29.16
CA GLU B 66 -10.17 10.70 29.99
C GLU B 66 -11.60 10.76 29.47
N LYS B 67 -12.22 9.59 29.40
CA LYS B 67 -13.60 9.47 28.95
C LYS B 67 -14.29 8.45 29.85
N ASP B 68 -15.23 8.95 30.65
CA ASP B 68 -16.02 8.13 31.57
C ASP B 68 -15.21 7.30 32.56
N GLY B 69 -14.24 7.92 33.21
CA GLY B 69 -13.46 7.17 34.19
C GLY B 69 -12.14 6.55 33.76
N LYS B 70 -11.94 6.33 32.46
CA LYS B 70 -10.70 5.74 31.96
C LYS B 70 -10.07 6.58 30.86
N LEU B 71 -8.74 6.53 30.77
CA LEU B 71 -8.03 7.27 29.74
C LEU B 71 -8.13 6.49 28.42
N VAL B 72 -8.39 7.20 27.34
CA VAL B 72 -8.49 6.59 26.03
C VAL B 72 -7.29 7.09 25.22
N ALA B 73 -6.49 6.15 24.73
CA ALA B 73 -5.29 6.44 23.95
C ALA B 73 -5.51 7.34 22.74
N GLY B 74 -4.64 8.33 22.61
CA GLY B 74 -4.67 9.24 21.48
C GLY B 74 -5.81 10.20 21.23
N LEU B 75 -6.78 10.33 22.15
CA LEU B 75 -7.89 11.25 21.92
C LEU B 75 -7.47 12.71 21.76
N GLY B 76 -6.29 13.04 22.26
CA GLY B 76 -5.81 14.41 22.14
C GLY B 76 -5.47 14.84 20.71
N ALA B 77 -5.45 13.89 19.80
CA ALA B 77 -5.12 14.17 18.41
C ALA B 77 -6.31 14.73 17.62
N GLY B 78 -7.51 14.61 18.17
CA GLY B 78 -8.69 15.10 17.46
C GLY B 78 -9.09 14.16 16.34
N GLY B 79 -9.93 14.64 15.42
CA GLY B 79 -10.38 13.80 14.32
C GLY B 79 -9.46 13.86 13.12
N HIS B 80 -9.89 13.26 12.01
CA HIS B 80 -9.09 13.26 10.80
C HIS B 80 -8.92 14.68 10.28
N TRP B 81 -7.74 14.98 9.76
CA TRP B 81 -7.43 16.31 9.22
C TRP B 81 -8.30 16.48 7.96
N ASP B 82 -9.16 17.51 7.98
CA ASP B 82 -10.10 17.79 6.87
C ASP B 82 -10.14 19.30 6.52
N PRO B 83 -9.03 19.84 5.98
CA PRO B 83 -9.01 21.26 5.64
C PRO B 83 -10.00 21.66 4.54
N LYS B 84 -10.34 20.73 3.65
CA LYS B 84 -11.27 21.01 2.57
C LYS B 84 -12.72 20.79 2.99
N GLU B 85 -12.91 20.43 4.25
CA GLU B 85 -14.23 20.19 4.85
C GLU B 85 -15.20 19.32 4.06
N THR B 86 -14.75 18.14 3.64
CA THR B 86 -15.60 17.21 2.89
C THR B 86 -16.58 16.47 3.79
N LYS B 87 -16.17 16.26 5.04
CA LYS B 87 -16.97 15.55 6.03
C LYS B 87 -17.09 14.06 5.75
N GLN B 88 -16.24 13.52 4.87
CA GLN B 88 -16.28 12.10 4.52
C GLN B 88 -14.93 11.41 4.56
N HIS B 89 -14.92 10.17 5.02
CA HIS B 89 -13.69 9.39 5.02
C HIS B 89 -13.67 8.63 3.69
N GLY B 90 -12.56 8.69 2.98
CA GLY B 90 -12.48 8.01 1.70
C GLY B 90 -11.11 7.51 1.30
N TYR B 91 -10.88 7.41 -0.01
CA TYR B 91 -9.61 6.92 -0.56
C TYR B 91 -8.61 8.06 -0.68
N PRO B 92 -7.30 7.73 -0.68
CA PRO B 92 -6.21 8.71 -0.80
C PRO B 92 -6.25 9.45 -2.14
N TRP B 93 -6.81 8.79 -3.15
CA TRP B 93 -6.92 9.35 -4.50
C TRP B 93 -8.29 9.97 -4.81
N SER B 94 -9.10 10.19 -3.78
CA SER B 94 -10.43 10.77 -3.99
C SER B 94 -10.50 12.18 -3.41
N ASP B 95 -11.00 13.13 -4.19
CA ASP B 95 -11.10 14.50 -3.71
C ASP B 95 -12.27 14.72 -2.75
N ASN B 96 -13.04 13.68 -2.48
CA ASN B 96 -14.17 13.76 -1.57
C ASN B 96 -13.83 13.20 -0.19
N ALA B 97 -12.57 12.84 0.01
CA ALA B 97 -12.09 12.28 1.27
C ALA B 97 -11.29 13.29 2.08
N HIS B 98 -11.18 13.07 3.39
CA HIS B 98 -10.40 13.96 4.27
C HIS B 98 -8.99 14.04 3.66
N LEU B 99 -8.37 15.22 3.67
CA LEU B 99 -7.02 15.37 3.13
C LEU B 99 -6.01 14.49 3.91
N GLY B 100 -6.32 14.18 5.17
CA GLY B 100 -5.43 13.35 5.98
C GLY B 100 -5.55 11.84 5.75
N ASP B 101 -6.38 11.41 4.80
CA ASP B 101 -6.57 9.98 4.51
C ASP B 101 -5.44 9.40 3.66
N LEU B 102 -4.62 8.57 4.30
CA LEU B 102 -3.47 7.96 3.63
C LEU B 102 -3.74 6.49 3.35
N PRO B 103 -2.92 5.85 2.49
CA PRO B 103 -3.10 4.42 2.20
C PRO B 103 -2.82 3.63 3.49
N ALA B 104 -3.47 2.48 3.63
CA ALA B 104 -3.29 1.63 4.81
C ALA B 104 -1.83 1.15 4.96
N LEU B 105 -1.39 1.04 6.22
CA LEU B 105 -0.03 0.63 6.55
C LEU B 105 0.05 -0.87 6.85
N PHE B 106 0.96 -1.56 6.17
CA PHE B 106 1.14 -2.99 6.39
C PHE B 106 2.23 -3.32 7.41
N VAL B 107 1.87 -4.09 8.43
CA VAL B 107 2.80 -4.52 9.46
C VAL B 107 3.03 -6.04 9.26
N GLU B 108 4.28 -6.43 9.02
CA GLU B 108 4.66 -7.83 8.80
C GLU B 108 4.33 -8.70 10.02
N HIS B 109 4.36 -10.02 9.83
CA HIS B 109 4.06 -10.96 10.93
C HIS B 109 5.03 -10.82 12.11
N ASP B 110 6.16 -10.18 11.89
CA ASP B 110 7.15 -9.97 12.95
C ASP B 110 6.96 -8.62 13.66
N GLY B 111 5.88 -7.91 13.37
CA GLY B 111 5.61 -6.64 14.00
C GLY B 111 6.30 -5.43 13.40
N SER B 112 6.98 -5.62 12.27
CA SER B 112 7.70 -4.53 11.61
C SER B 112 6.94 -3.90 10.43
N ALA B 113 7.13 -2.60 10.26
CA ALA B 113 6.50 -1.87 9.17
C ALA B 113 7.62 -1.13 8.42
N THR B 114 7.83 -1.51 7.16
CA THR B 114 8.85 -0.89 6.33
C THR B 114 8.42 -0.59 4.89
N ASN B 115 7.15 -0.85 4.55
CA ASN B 115 6.65 -0.59 3.21
C ASN B 115 6.09 0.84 3.11
N PRO B 116 6.71 1.72 2.31
CA PRO B 116 6.25 3.10 2.16
C PRO B 116 4.94 3.24 1.38
N VAL B 117 4.22 4.32 1.62
CA VAL B 117 2.96 4.58 0.90
C VAL B 117 2.96 6.03 0.39
N LEU B 118 2.10 6.31 -0.58
CA LEU B 118 2.02 7.63 -1.18
C LEU B 118 0.65 8.32 -0.99
N ALA B 119 0.68 9.62 -0.68
CA ALA B 119 -0.54 10.44 -0.53
C ALA B 119 -0.43 11.44 -1.70
N PRO B 120 -1.03 11.10 -2.85
CA PRO B 120 -1.01 11.94 -4.04
C PRO B 120 -1.57 13.37 -3.94
N ARG B 121 -2.47 13.60 -2.98
CA ARG B 121 -3.08 14.90 -2.81
C ARG B 121 -2.28 15.87 -1.96
N LEU B 122 -1.21 15.38 -1.34
CA LEU B 122 -0.35 16.19 -0.51
C LEU B 122 0.92 16.43 -1.33
N LYS B 123 1.36 17.68 -1.39
CA LYS B 123 2.53 18.05 -2.20
C LYS B 123 3.77 18.57 -1.46
N LYS B 124 3.56 19.32 -0.38
CA LYS B 124 4.68 19.91 0.36
C LYS B 124 4.79 19.45 1.80
N LEU B 125 6.02 19.33 2.29
CA LEU B 125 6.28 18.92 3.67
C LEU B 125 5.64 19.84 4.70
N ASP B 126 5.71 21.15 4.46
CA ASP B 126 5.13 22.12 5.39
C ASP B 126 3.64 21.94 5.61
N GLU B 127 2.94 21.46 4.59
CA GLU B 127 1.48 21.23 4.67
C GLU B 127 1.04 20.39 5.88
N VAL B 128 1.79 19.32 6.15
CA VAL B 128 1.47 18.40 7.23
C VAL B 128 1.98 18.75 8.64
N LYS B 129 2.83 19.77 8.75
CA LYS B 129 3.36 20.19 10.05
C LYS B 129 2.26 20.77 10.93
N GLY B 130 2.35 20.52 12.23
CA GLY B 130 1.34 21.03 13.15
C GLY B 130 0.15 20.11 13.27
N HIS B 131 0.35 18.84 12.93
CA HIS B 131 -0.71 17.82 13.00
C HIS B 131 -0.13 16.52 13.58
N SER B 132 -0.91 15.45 13.58
CA SER B 132 -0.45 14.17 14.09
C SER B 132 -0.67 13.04 13.08
N LEU B 133 0.20 12.03 13.16
CA LEU B 133 0.16 10.86 12.29
C LEU B 133 -0.35 9.71 13.14
N MET B 134 -1.49 9.15 12.78
CA MET B 134 -2.13 8.08 13.55
C MET B 134 -2.13 6.72 12.88
N ILE B 135 -1.87 5.69 13.69
CA ILE B 135 -1.91 4.30 13.22
C ILE B 135 -2.94 3.61 14.10
N HIS B 136 -3.98 3.07 13.46
CA HIS B 136 -5.07 2.43 14.17
C HIS B 136 -4.93 0.94 14.39
N GLU B 137 -5.72 0.45 15.33
CA GLU B 137 -5.75 -0.95 15.68
C GLU B 137 -6.42 -1.71 14.53
N GLY B 138 -7.50 -1.13 13.99
CA GLY B 138 -8.22 -1.75 12.90
C GLY B 138 -7.67 -1.36 11.53
N GLY B 139 -8.36 -1.81 10.49
CA GLY B 139 -7.96 -1.53 9.13
C GLY B 139 -8.54 -0.27 8.54
N ASP B 140 -8.77 -0.28 7.22
CA ASP B 140 -9.32 0.89 6.56
C ASP B 140 -9.92 0.53 5.20
N ASN B 141 -11.25 0.57 5.13
CA ASN B 141 -11.97 0.26 3.89
C ASN B 141 -12.24 1.54 3.08
N HIS B 142 -11.77 2.67 3.60
CA HIS B 142 -11.89 3.96 2.94
C HIS B 142 -13.32 4.46 2.73
N SER B 143 -14.15 4.23 3.74
CA SER B 143 -15.54 4.66 3.71
C SER B 143 -16.03 4.76 5.14
N ASP B 144 -17.14 5.46 5.34
CA ASP B 144 -17.73 5.61 6.68
C ASP B 144 -18.77 4.53 6.93
N HIS B 145 -18.87 3.58 5.99
CA HIS B 145 -19.82 2.49 6.10
C HIS B 145 -19.05 1.21 5.79
N PRO B 146 -19.33 0.12 6.53
CA PRO B 146 -20.32 0.00 7.61
C PRO B 146 -19.90 0.66 8.93
N ALA B 147 -18.60 0.82 9.14
CA ALA B 147 -18.10 1.42 10.36
C ALA B 147 -17.55 2.80 10.04
N PRO B 148 -17.74 3.77 10.95
CA PRO B 148 -17.23 5.12 10.68
C PRO B 148 -15.70 5.15 10.54
N LEU B 149 -15.23 6.15 9.79
CA LEU B 149 -13.80 6.37 9.56
C LEU B 149 -13.02 5.13 9.09
N GLY B 150 -13.64 4.35 8.21
CA GLY B 150 -12.98 3.17 7.66
C GLY B 150 -12.82 1.96 8.57
N GLY B 151 -13.38 2.01 9.76
CA GLY B 151 -13.26 0.89 10.68
C GLY B 151 -11.94 0.81 11.45
N GLY B 152 -11.23 1.93 11.53
CA GLY B 152 -9.97 1.95 12.26
C GLY B 152 -10.05 1.64 13.75
N GLY B 153 -11.12 2.09 14.40
CA GLY B 153 -11.26 1.84 15.83
C GLY B 153 -10.21 2.53 16.69
N PRO B 154 -9.78 1.90 17.79
CA PRO B 154 -8.77 2.42 18.73
C PRO B 154 -7.49 2.92 18.07
N ARG B 155 -6.82 3.81 18.79
CA ARG B 155 -5.57 4.40 18.32
C ARG B 155 -4.41 3.62 18.90
N MET B 156 -3.69 2.94 18.01
CA MET B 156 -2.57 2.08 18.37
C MET B 156 -1.20 2.75 18.56
N ALA B 157 -0.78 3.55 17.59
CA ALA B 157 0.51 4.25 17.64
C ALA B 157 0.30 5.66 17.09
N CYS B 158 1.15 6.58 17.50
CA CYS B 158 0.99 7.97 17.08
C CYS B 158 2.28 8.76 17.21
N GLY B 159 2.42 9.79 16.36
CA GLY B 159 3.57 10.67 16.38
C GLY B 159 3.14 12.07 15.97
N VAL B 160 3.72 13.09 16.58
CA VAL B 160 3.40 14.48 16.25
C VAL B 160 4.28 14.95 15.07
N ILE B 161 3.66 15.57 14.07
CA ILE B 161 4.41 16.04 12.90
C ILE B 161 4.93 17.46 13.12
N LYS B 162 6.24 17.56 13.39
CA LYS B 162 6.92 18.83 13.66
C LYS B 162 7.89 19.22 12.54
CU CU C . -14.33 -12.15 -1.19
ZN ZN D . 10.27 -3.31 -12.05
CU CU E . 7.11 -8.92 -11.42
CU CU F . 15.04 -1.46 12.76
ZN ZN G . -10.57 10.13 7.13
CU CU H . -7.06 8.06 12.07
#